data_8BVK
#
_entry.id   8BVK
#
_cell.length_a   36.580
_cell.length_b   93.670
_cell.length_c   123.680
_cell.angle_alpha   90.000
_cell.angle_beta   90.000
_cell.angle_gamma   90.000
#
_symmetry.space_group_name_H-M   'P 21 21 21'
#
loop_
_entity.id
_entity.type
_entity.pdbx_description
1 polymer 'Xylose isomerase'
2 non-polymer 'MANGANESE (II) ION'
3 water water
#
_entity_poly.entity_id   1
_entity_poly.type   'polypeptide(L)'
_entity_poly.pdbx_seq_one_letter_code
;KLDDSKTLPIAAQMYTLRNAGTLEEQLAILNRAGVSAVETVDMQKVSASELNALLEKHKIKVISSHVPIDKLRGNLDEVI
TEQKAVGNPVVTVPFLKPEDRPKDAAGWTAFGKELGGYADKLSAAGLSMAYHNHDFEMVKFDGKTALELLLDAAGPKLQS
ELDVAWVARSGNDPAEFLGTLNGRVFAIHAKDDAPAGTAENERGFATIGTGVLDWKTILPAAKHAGAQWFILEHDLPLDA
EAVVTKGNAFLSERLPTIQ
;
_entity_poly.pdbx_strand_id   A,B
#
# COMPACT_ATOMS: atom_id res chain seq x y z
N LYS A 1 15.36 -0.89 -6.66
CA LYS A 1 13.95 -0.65 -6.36
C LYS A 1 13.61 0.82 -6.59
N LEU A 2 12.48 1.07 -7.26
CA LEU A 2 12.06 2.44 -7.51
C LEU A 2 11.63 3.14 -6.22
N ASP A 3 11.01 2.41 -5.28
CA ASP A 3 10.56 3.02 -4.04
C ASP A 3 11.73 3.48 -3.18
N ASP A 4 12.87 2.81 -3.26
CA ASP A 4 14.03 3.21 -2.47
C ASP A 4 14.83 4.33 -3.11
N SER A 5 14.48 4.74 -4.32
CA SER A 5 15.13 5.89 -4.95
C SER A 5 14.90 7.14 -4.11
N LYS A 6 15.87 8.08 -4.16
CA LYS A 6 15.78 9.34 -3.42
C LYS A 6 16.15 10.55 -4.28
N THR A 7 16.23 10.38 -5.61
CA THR A 7 16.43 11.54 -6.47
C THR A 7 15.20 12.46 -6.42
N LEU A 8 14.01 11.90 -6.65
CA LEU A 8 12.73 12.61 -6.61
C LEU A 8 11.89 12.08 -5.46
N PRO A 9 11.13 12.93 -4.78
CA PRO A 9 10.19 12.41 -3.78
C PRO A 9 9.15 11.53 -4.46
N ILE A 10 8.73 10.48 -3.74
CA ILE A 10 7.84 9.46 -4.27
C ILE A 10 6.40 9.81 -3.93
N ALA A 11 5.50 9.60 -4.89
CA ALA A 11 4.07 9.65 -4.64
C ALA A 11 3.43 8.41 -5.21
N ALA A 12 2.33 8.00 -4.61
CA ALA A 12 1.63 6.79 -4.99
C ALA A 12 0.34 7.14 -5.71
N GLN A 13 0.03 6.41 -6.77
CA GLN A 13 -1.27 6.55 -7.41
C GLN A 13 -2.31 5.77 -6.61
N MET A 14 -3.37 6.44 -6.20
CA MET A 14 -4.34 5.86 -5.27
C MET A 14 -5.73 5.90 -5.86
N TYR A 15 -6.34 4.72 -6.03
CA TYR A 15 -7.71 4.61 -6.50
C TYR A 15 -8.70 4.84 -5.35
N THR A 16 -9.50 5.90 -5.48
CA THR A 16 -10.45 6.28 -4.45
C THR A 16 -11.68 5.35 -4.46
N LEU A 17 -12.22 5.11 -3.27
CA LEU A 17 -13.39 4.27 -3.08
C LEU A 17 -14.47 5.08 -2.37
N ARG A 18 -15.72 4.61 -2.49
CA ARG A 18 -16.82 5.29 -1.80
C ARG A 18 -16.73 5.10 -0.29
N ASN A 19 -16.29 3.92 0.15
CA ASN A 19 -16.23 3.59 1.57
C ASN A 19 -14.98 4.20 2.18
N ALA A 20 -15.16 5.27 2.97
CA ALA A 20 -14.02 5.92 3.63
C ALA A 20 -13.34 5.00 4.64
N GLY A 21 -14.00 3.93 5.08
CA GLY A 21 -13.35 2.99 5.98
C GLY A 21 -12.22 2.22 5.32
N THR A 22 -12.48 1.69 4.11
CA THR A 22 -11.48 0.95 3.37
C THR A 22 -10.40 1.86 2.78
N LEU A 23 -10.73 3.13 2.56
CA LEU A 23 -9.69 4.07 2.12
C LEU A 23 -8.60 4.23 3.17
N GLU A 24 -8.96 4.11 4.46
CA GLU A 24 -7.97 4.30 5.51
C GLU A 24 -6.88 3.23 5.45
N GLU A 25 -7.22 2.01 5.06
CA GLU A 25 -6.19 0.99 4.99
C GLU A 25 -5.16 1.33 3.93
N GLN A 26 -5.59 1.93 2.81
CA GLN A 26 -4.63 2.33 1.78
C GLN A 26 -3.67 3.39 2.32
N LEU A 27 -4.19 4.30 3.15
CA LEU A 27 -3.37 5.39 3.69
C LEU A 27 -2.42 4.88 4.76
N ALA A 28 -2.86 3.90 5.56
CA ALA A 28 -1.97 3.29 6.55
C ALA A 28 -0.81 2.56 5.89
N ILE A 29 -1.06 1.91 4.75
CA ILE A 29 0.02 1.27 4.01
C ILE A 29 1.06 2.31 3.59
N LEU A 30 0.60 3.45 3.06
CA LEU A 30 1.52 4.50 2.64
C LEU A 30 2.32 5.05 3.81
N ASN A 31 1.67 5.26 4.97
CA ASN A 31 2.41 5.70 6.16
C ASN A 31 3.57 4.76 6.46
N ARG A 32 3.32 3.44 6.42
CA ARG A 32 4.36 2.48 6.79
C ARG A 32 5.40 2.34 5.68
N ALA A 33 5.00 2.52 4.41
CA ALA A 33 5.98 2.53 3.33
C ALA A 33 6.75 3.84 3.25
N GLY A 34 6.43 4.82 4.10
CA GLY A 34 7.12 6.10 4.06
C GLY A 34 6.79 6.97 2.86
N VAL A 35 5.55 6.90 2.36
CA VAL A 35 5.10 7.71 1.23
C VAL A 35 4.09 8.73 1.75
N SER A 36 4.34 10.01 1.45
CA SER A 36 3.57 11.12 2.00
C SER A 36 2.65 11.81 0.99
N ALA A 37 2.59 11.34 -0.26
CA ALA A 37 1.81 12.02 -1.28
C ALA A 37 1.10 11.02 -2.17
N VAL A 38 -0.05 11.44 -2.71
CA VAL A 38 -0.80 10.58 -3.63
C VAL A 38 -1.24 11.37 -4.86
N GLU A 39 -1.37 10.64 -5.96
CA GLU A 39 -2.15 11.07 -7.11
C GLU A 39 -3.44 10.26 -7.09
N THR A 40 -4.58 10.96 -7.03
CA THR A 40 -5.86 10.26 -6.89
C THR A 40 -6.48 9.93 -8.24
N VAL A 41 -7.20 8.81 -8.26
CA VAL A 41 -8.02 8.38 -9.38
C VAL A 41 -9.44 8.17 -8.86
N ASP A 42 -10.44 8.66 -9.61
CA ASP A 42 -11.86 8.55 -9.22
C ASP A 42 -12.14 9.27 -7.90
N MET A 43 -11.52 10.43 -7.70
CA MET A 43 -11.60 11.09 -6.40
C MET A 43 -13.04 11.46 -6.04
N GLN A 44 -13.92 11.64 -7.03
CA GLN A 44 -15.30 12.04 -6.76
C GLN A 44 -16.16 10.91 -6.19
N LYS A 45 -15.63 9.70 -6.07
CA LYS A 45 -16.38 8.61 -5.46
C LYS A 45 -16.60 8.83 -3.98
N VAL A 46 -15.70 9.54 -3.32
CA VAL A 46 -15.76 9.71 -1.87
C VAL A 46 -16.15 11.15 -1.53
N SER A 47 -16.75 11.32 -0.35
CA SER A 47 -17.07 12.65 0.14
C SER A 47 -15.79 13.42 0.44
N ALA A 48 -15.72 14.66 -0.07
CA ALA A 48 -14.51 15.45 0.10
C ALA A 48 -14.15 15.63 1.58
N SER A 49 -15.13 15.89 2.44
CA SER A 49 -14.81 16.13 3.84
C SER A 49 -14.30 14.87 4.52
N GLU A 50 -14.84 13.70 4.16
CA GLU A 50 -14.36 12.43 4.72
C GLU A 50 -12.93 12.15 4.27
N LEU A 51 -12.64 12.34 2.98
CA LEU A 51 -11.28 12.15 2.49
C LEU A 51 -10.31 13.14 3.13
N ASN A 52 -10.72 14.41 3.24
CA ASN A 52 -9.87 15.43 3.87
C ASN A 52 -9.51 15.07 5.31
N ALA A 53 -10.50 14.58 6.07
CA ALA A 53 -10.24 14.23 7.47
C ALA A 53 -9.27 13.07 7.56
N LEU A 54 -9.34 12.12 6.61
CA LEU A 54 -8.46 10.97 6.65
C LEU A 54 -7.04 11.34 6.22
N LEU A 55 -6.91 12.15 5.16
CA LEU A 55 -5.60 12.63 4.73
C LEU A 55 -4.90 13.40 5.83
N GLU A 56 -5.63 14.28 6.53
CA GLU A 56 -5.02 15.03 7.62
C GLU A 56 -4.56 14.09 8.73
N LYS A 57 -5.41 13.14 9.12
CA LYS A 57 -5.03 12.17 10.14
C LYS A 57 -3.76 11.43 9.77
N HIS A 58 -3.64 11.02 8.50
CA HIS A 58 -2.47 10.27 8.06
C HIS A 58 -1.38 11.15 7.45
N LYS A 59 -1.53 12.48 7.52
CA LYS A 59 -0.51 13.41 7.01
C LYS A 59 -0.11 13.08 5.57
N ILE A 60 -1.08 12.68 4.76
CA ILE A 60 -0.90 12.46 3.32
C ILE A 60 -1.46 13.67 2.58
N LYS A 61 -0.79 14.06 1.48
CA LYS A 61 -1.22 15.19 0.65
C LYS A 61 -1.60 14.71 -0.75
N VAL A 62 -2.69 15.26 -1.29
CA VAL A 62 -3.06 15.01 -2.68
C VAL A 62 -2.29 15.99 -3.55
N ILE A 63 -1.31 15.49 -4.30
CA ILE A 63 -0.48 16.36 -5.14
C ILE A 63 -0.97 16.45 -6.58
N SER A 64 -1.93 15.61 -6.97
CA SER A 64 -2.54 15.70 -8.30
C SER A 64 -3.72 14.73 -8.33
N SER A 65 -4.60 14.94 -9.31
CA SER A 65 -5.79 14.13 -9.44
C SER A 65 -6.14 13.94 -10.91
N HIS A 66 -6.53 12.72 -11.27
CA HIS A 66 -6.90 12.41 -12.66
C HIS A 66 -8.28 12.98 -12.97
N VAL A 67 -8.36 13.87 -13.96
CA VAL A 67 -9.63 14.44 -14.39
C VAL A 67 -9.82 14.17 -15.88
N PRO A 68 -10.82 13.39 -16.28
CA PRO A 68 -10.99 13.04 -17.69
C PRO A 68 -11.36 14.26 -18.54
N ILE A 69 -11.03 14.15 -19.83
CA ILE A 69 -11.20 15.28 -20.75
C ILE A 69 -12.67 15.68 -20.90
N ASP A 70 -13.59 14.72 -20.81
CA ASP A 70 -15.01 15.08 -20.96
C ASP A 70 -15.50 15.94 -19.79
N LYS A 71 -14.86 15.85 -18.62
CA LYS A 71 -15.21 16.75 -17.52
C LYS A 71 -14.66 18.16 -17.76
N LEU A 72 -13.45 18.25 -18.30
CA LEU A 72 -12.88 19.55 -18.63
C LEU A 72 -13.67 20.23 -19.74
N ARG A 73 -14.24 19.45 -20.65
CA ARG A 73 -15.00 20.00 -21.76
C ARG A 73 -16.42 20.37 -21.35
N GLY A 74 -17.05 19.54 -20.51
CA GLY A 74 -18.45 19.73 -20.16
C GLY A 74 -18.73 20.73 -19.06
N ASN A 75 -17.92 20.74 -17.98
CA ASN A 75 -18.17 21.71 -16.91
C ASN A 75 -16.86 21.94 -16.16
N LEU A 76 -16.06 22.89 -16.65
CA LEU A 76 -14.79 23.17 -16.00
C LEU A 76 -14.99 23.82 -14.63
N ASP A 77 -16.04 24.63 -14.47
CA ASP A 77 -16.31 25.26 -13.17
C ASP A 77 -16.55 24.21 -12.10
N GLU A 78 -17.21 23.10 -12.45
CA GLU A 78 -17.44 22.04 -11.48
C GLU A 78 -16.14 21.31 -11.14
N VAL A 79 -15.28 21.11 -12.14
CA VAL A 79 -13.95 20.55 -11.90
C VAL A 79 -13.19 21.40 -10.89
N ILE A 80 -13.22 22.73 -11.06
CA ILE A 80 -12.49 23.62 -10.16
C ILE A 80 -13.01 23.45 -8.73
N THR A 81 -14.32 23.44 -8.56
CA THR A 81 -14.92 23.27 -7.23
C THR A 81 -14.52 21.94 -6.62
N GLU A 82 -14.65 20.85 -7.40
CA GLU A 82 -14.36 19.52 -6.89
C GLU A 82 -12.90 19.38 -6.47
N GLN A 83 -11.98 19.87 -7.31
CA GLN A 83 -10.56 19.71 -6.96
C GLN A 83 -10.21 20.53 -5.72
N LYS A 84 -10.71 21.76 -5.63
CA LYS A 84 -10.36 22.58 -4.49
C LYS A 84 -11.02 22.12 -3.20
N ALA A 85 -12.07 21.29 -3.30
CA ALA A 85 -12.68 20.76 -2.09
C ALA A 85 -11.69 19.92 -1.28
N VAL A 86 -10.70 19.30 -1.94
CA VAL A 86 -9.69 18.51 -1.25
C VAL A 86 -8.35 19.23 -1.12
N GLY A 87 -8.20 20.40 -1.71
CA GLY A 87 -6.97 21.14 -1.51
C GLY A 87 -6.39 21.73 -2.78
N ASN A 88 -5.17 21.31 -3.13
CA ASN A 88 -4.49 22.05 -4.18
C ASN A 88 -3.97 21.21 -5.35
N PRO A 89 -4.61 20.10 -5.70
CA PRO A 89 -3.93 19.16 -6.60
C PRO A 89 -3.76 19.74 -8.00
N VAL A 90 -2.67 19.32 -8.63
CA VAL A 90 -2.54 19.51 -10.06
C VAL A 90 -3.66 18.74 -10.73
N VAL A 91 -4.36 19.39 -11.67
CA VAL A 91 -5.38 18.72 -12.47
C VAL A 91 -4.69 18.00 -13.63
N THR A 92 -4.82 16.67 -13.69
CA THR A 92 -4.06 15.87 -14.65
C THR A 92 -4.99 15.14 -15.62
N VAL A 93 -4.79 15.37 -16.91
CA VAL A 93 -5.44 14.61 -17.98
C VAL A 93 -4.81 13.23 -18.03
N PRO A 94 -5.57 12.16 -17.80
CA PRO A 94 -4.98 10.85 -17.51
C PRO A 94 -4.71 9.98 -18.73
N PHE A 95 -5.48 10.20 -19.78
CA PHE A 95 -5.65 9.22 -20.85
C PHE A 95 -6.54 9.87 -21.90
N LEU A 96 -6.46 9.35 -23.13
CA LEU A 96 -7.38 9.73 -24.19
C LEU A 96 -7.98 8.45 -24.77
N LYS A 97 -9.31 8.32 -24.68
CA LYS A 97 -9.93 7.17 -25.32
C LYS A 97 -9.82 7.31 -26.84
N PRO A 98 -9.86 6.18 -27.57
CA PRO A 98 -9.60 6.23 -29.02
C PRO A 98 -10.39 7.30 -29.75
N GLU A 99 -11.67 7.48 -29.39
CA GLU A 99 -12.54 8.44 -30.06
C GLU A 99 -12.13 9.89 -29.82
N ASP A 100 -11.29 10.16 -28.82
CA ASP A 100 -10.83 11.51 -28.55
C ASP A 100 -9.46 11.82 -29.15
N ARG A 101 -8.82 10.86 -29.80
CA ARG A 101 -7.43 11.05 -30.22
C ARG A 101 -7.38 11.75 -31.57
N PRO A 102 -6.69 12.89 -31.69
CA PRO A 102 -6.54 13.53 -33.00
C PRO A 102 -5.87 12.59 -34.00
N LYS A 103 -6.05 12.91 -35.27
CA LYS A 103 -5.61 12.05 -36.36
C LYS A 103 -4.35 12.54 -37.07
N ASP A 104 -4.04 13.83 -36.99
CA ASP A 104 -2.90 14.38 -37.72
C ASP A 104 -2.25 15.48 -36.90
N ALA A 105 -1.15 16.03 -37.43
CA ALA A 105 -0.40 17.02 -36.68
C ALA A 105 -1.26 18.23 -36.31
N ALA A 106 -2.10 18.70 -37.25
CA ALA A 106 -2.93 19.87 -36.96
C ALA A 106 -3.94 19.58 -35.85
N GLY A 107 -4.51 18.38 -35.85
CA GLY A 107 -5.40 18.00 -34.75
C GLY A 107 -4.71 17.98 -33.40
N TRP A 108 -3.48 17.45 -33.33
CA TRP A 108 -2.78 17.44 -32.05
C TRP A 108 -2.43 18.86 -31.61
N THR A 109 -2.08 19.73 -32.56
CA THR A 109 -1.88 21.14 -32.24
C THR A 109 -3.16 21.74 -31.68
N ALA A 110 -4.28 21.55 -32.36
CA ALA A 110 -5.55 22.12 -31.88
C ALA A 110 -5.88 21.60 -30.50
N PHE A 111 -5.57 20.32 -30.23
CA PHE A 111 -5.87 19.73 -28.93
C PHE A 111 -5.01 20.37 -27.85
N GLY A 112 -3.73 20.58 -28.12
CA GLY A 112 -2.90 21.27 -27.14
C GLY A 112 -3.38 22.68 -26.88
N LYS A 113 -3.79 23.39 -27.93
CA LYS A 113 -4.31 24.74 -27.77
C LYS A 113 -5.57 24.73 -26.90
N GLU A 114 -6.44 23.75 -27.11
CA GLU A 114 -7.63 23.57 -26.26
C GLU A 114 -7.25 23.37 -24.80
N LEU A 115 -6.31 22.48 -24.53
CA LEU A 115 -5.85 22.26 -23.16
C LEU A 115 -5.22 23.52 -22.58
N GLY A 116 -4.50 24.28 -23.40
CA GLY A 116 -3.91 25.52 -22.92
C GLY A 116 -4.96 26.50 -22.43
N GLY A 117 -6.11 26.53 -23.09
CA GLY A 117 -7.22 27.35 -22.62
C GLY A 117 -7.73 26.89 -21.25
N TYR A 118 -7.85 25.58 -21.04
CA TYR A 118 -8.22 25.12 -19.70
C TYR A 118 -7.15 25.46 -18.68
N ALA A 119 -5.88 25.33 -19.07
CA ALA A 119 -4.81 25.63 -18.13
C ALA A 119 -4.86 27.09 -17.67
N ASP A 120 -5.23 28.01 -18.57
CA ASP A 120 -5.38 29.43 -18.18
C ASP A 120 -6.50 29.60 -17.16
N LYS A 121 -7.64 28.92 -17.37
CA LYS A 121 -8.77 29.08 -16.46
C LYS A 121 -8.49 28.41 -15.12
N LEU A 122 -7.89 27.21 -15.15
CA LEU A 122 -7.48 26.56 -13.92
C LEU A 122 -6.49 27.43 -13.14
N SER A 123 -5.53 28.03 -13.84
CA SER A 123 -4.53 28.88 -13.18
C SER A 123 -5.19 30.08 -12.48
N ALA A 124 -6.15 30.73 -13.14
CA ALA A 124 -6.89 31.82 -12.51
C ALA A 124 -7.56 31.39 -11.21
N ALA A 125 -7.93 30.11 -11.09
CA ALA A 125 -8.53 29.59 -9.88
C ALA A 125 -7.50 28.98 -8.93
N GLY A 126 -6.21 29.13 -9.22
CA GLY A 126 -5.18 28.62 -8.34
C GLY A 126 -4.78 27.17 -8.53
N LEU A 127 -5.17 26.53 -9.63
CA LEU A 127 -4.84 25.13 -9.89
C LEU A 127 -3.87 25.01 -11.06
N SER A 128 -2.87 24.14 -10.94
CA SER A 128 -2.00 23.81 -12.06
C SER A 128 -2.60 22.67 -12.90
N MET A 129 -1.91 22.35 -14.00
CA MET A 129 -2.42 21.37 -14.95
C MET A 129 -1.29 20.51 -15.51
N ALA A 130 -1.55 19.21 -15.65
CA ALA A 130 -0.58 18.29 -16.22
C ALA A 130 -1.25 17.35 -17.20
N TYR A 131 -0.44 16.69 -18.02
CA TYR A 131 -0.90 15.78 -19.05
C TYR A 131 -0.11 14.48 -18.92
N HIS A 132 -0.82 13.36 -18.78
CA HIS A 132 -0.17 12.06 -18.59
C HIS A 132 -0.30 11.26 -19.88
N ASN A 133 0.83 11.00 -20.54
CA ASN A 133 0.81 10.32 -21.83
C ASN A 133 0.80 8.80 -21.70
N HIS A 134 0.45 8.14 -22.79
CA HIS A 134 0.72 6.71 -22.96
C HIS A 134 1.44 6.49 -24.28
N ASP A 135 1.04 5.51 -25.08
CA ASP A 135 1.77 5.22 -26.30
C ASP A 135 1.26 5.99 -27.52
N PHE A 136 -0.03 6.33 -27.57
CA PHE A 136 -0.56 6.94 -28.79
C PHE A 136 -0.07 8.38 -29.02
N GLU A 137 0.46 9.05 -27.99
CA GLU A 137 1.02 10.38 -28.21
C GLU A 137 2.46 10.31 -28.72
N MET A 138 3.04 9.11 -28.82
CA MET A 138 4.39 8.94 -29.34
C MET A 138 4.44 8.87 -30.86
N VAL A 139 3.29 8.76 -31.52
CA VAL A 139 3.25 8.81 -32.98
C VAL A 139 3.95 10.08 -33.45
N LYS A 140 4.62 10.01 -34.59
CA LYS A 140 5.43 11.12 -35.06
C LYS A 140 4.90 11.67 -36.39
N PHE A 141 4.94 12.99 -36.52
CA PHE A 141 4.66 13.68 -37.78
C PHE A 141 5.87 14.55 -38.12
N ASP A 142 6.51 14.24 -39.25
CA ASP A 142 7.71 14.96 -39.71
C ASP A 142 8.75 15.08 -38.59
N GLY A 143 8.96 13.98 -37.88
CA GLY A 143 9.98 13.93 -36.85
C GLY A 143 9.57 14.40 -35.47
N LYS A 144 8.35 14.94 -35.30
CA LYS A 144 7.91 15.47 -34.01
C LYS A 144 6.75 14.63 -33.47
N THR A 145 6.85 14.23 -32.20
CA THR A 145 5.81 13.44 -31.57
C THR A 145 4.54 14.25 -31.37
N ALA A 146 3.40 13.56 -31.41
CA ALA A 146 2.14 14.18 -30.99
C ALA A 146 2.26 14.81 -29.59
N LEU A 147 2.99 14.16 -28.68
CA LEU A 147 3.10 14.70 -27.33
C LEU A 147 3.79 16.06 -27.34
N GLU A 148 4.89 16.21 -28.10
CA GLU A 148 5.56 17.50 -28.16
C GLU A 148 4.69 18.54 -28.86
N LEU A 149 3.96 18.14 -29.92
CA LEU A 149 3.06 19.08 -30.58
C LEU A 149 2.06 19.67 -29.59
N LEU A 150 1.39 18.80 -28.79
CA LEU A 150 0.33 19.31 -27.91
C LEU A 150 0.90 20.10 -26.73
N LEU A 151 2.05 19.69 -26.19
CA LEU A 151 2.62 20.43 -25.06
C LEU A 151 3.12 21.80 -25.51
N ASP A 152 3.82 21.86 -26.64
CA ASP A 152 4.29 23.14 -27.19
C ASP A 152 3.12 24.07 -27.52
N ALA A 153 2.05 23.52 -28.12
CA ALA A 153 0.90 24.36 -28.46
C ALA A 153 0.10 24.77 -27.22
N ALA A 154 0.14 23.98 -26.14
CA ALA A 154 -0.57 24.31 -24.92
C ALA A 154 0.12 25.41 -24.12
N GLY A 155 1.44 25.51 -24.21
CA GLY A 155 2.19 26.47 -23.43
C GLY A 155 2.56 25.94 -22.07
N PRO A 156 3.41 26.69 -21.35
CA PRO A 156 4.03 26.15 -20.13
C PRO A 156 3.11 26.06 -18.92
N LYS A 157 1.85 26.53 -19.01
CA LYS A 157 0.91 26.24 -17.93
C LYS A 157 0.45 24.78 -17.94
N LEU A 158 0.72 24.04 -19.02
CA LEU A 158 0.49 22.60 -19.08
C LEU A 158 1.85 21.90 -18.93
N GLN A 159 2.01 21.14 -17.86
CA GLN A 159 3.24 20.38 -17.66
C GLN A 159 3.03 18.90 -18.00
N SER A 160 4.14 18.20 -18.16
CA SER A 160 4.10 16.79 -18.56
C SER A 160 4.17 15.91 -17.32
N GLU A 161 3.27 14.94 -17.24
CA GLU A 161 3.42 13.79 -16.34
C GLU A 161 3.95 12.68 -17.24
N LEU A 162 5.27 12.59 -17.33
CA LEU A 162 5.90 11.83 -18.40
C LEU A 162 5.94 10.33 -18.06
N ASP A 163 5.28 9.51 -18.87
CA ASP A 163 5.33 8.06 -18.71
C ASP A 163 6.53 7.56 -19.53
N VAL A 164 7.68 7.44 -18.86
CA VAL A 164 8.93 7.24 -19.59
C VAL A 164 9.02 5.85 -20.22
N ALA A 165 8.32 4.83 -19.67
CA ALA A 165 8.31 3.52 -20.31
C ALA A 165 7.77 3.59 -21.74
N TRP A 166 6.69 4.36 -21.95
CA TRP A 166 6.15 4.47 -23.30
C TRP A 166 7.05 5.32 -24.20
N VAL A 167 7.74 6.31 -23.63
CA VAL A 167 8.72 7.05 -24.40
C VAL A 167 9.81 6.12 -24.94
N ALA A 168 10.38 5.28 -24.05
CA ALA A 168 11.44 4.37 -24.46
C ALA A 168 10.94 3.31 -25.42
N ARG A 169 9.75 2.76 -25.17
CA ARG A 169 9.21 1.70 -26.01
C ARG A 169 8.99 2.18 -27.45
N SER A 170 8.67 3.46 -27.63
CA SER A 170 8.48 4.01 -28.96
C SER A 170 9.79 4.29 -29.69
N GLY A 171 10.94 4.08 -29.04
CA GLY A 171 12.22 4.33 -29.66
C GLY A 171 12.77 5.73 -29.47
N ASN A 172 12.32 6.45 -28.45
CA ASN A 172 12.87 7.74 -28.08
C ASN A 172 13.63 7.60 -26.77
N ASP A 173 14.74 8.30 -26.64
CA ASP A 173 15.52 8.21 -25.41
C ASP A 173 14.87 9.06 -24.33
N PRO A 174 14.48 8.48 -23.19
CA PRO A 174 13.72 9.26 -22.19
C PRO A 174 14.47 10.46 -21.64
N ALA A 175 15.79 10.34 -21.41
CA ALA A 175 16.53 11.48 -20.86
C ALA A 175 16.57 12.62 -21.86
N GLU A 176 16.82 12.32 -23.14
CA GLU A 176 16.85 13.38 -24.16
C GLU A 176 15.48 14.03 -24.31
N PHE A 177 14.41 13.23 -24.28
CA PHE A 177 13.05 13.78 -24.32
C PHE A 177 12.81 14.74 -23.15
N LEU A 178 13.30 14.38 -21.96
CA LEU A 178 13.16 15.28 -20.81
C LEU A 178 13.90 16.60 -21.03
N GLY A 179 15.04 16.55 -21.73
CA GLY A 179 15.74 17.79 -22.07
C GLY A 179 14.90 18.75 -22.89
N THR A 180 14.09 18.21 -23.82
CA THR A 180 13.24 19.09 -24.63
C THR A 180 12.07 19.66 -23.84
N LEU A 181 11.79 19.17 -22.63
CA LEU A 181 10.72 19.67 -21.78
C LEU A 181 11.27 20.35 -20.54
N ASN A 182 12.46 20.93 -20.63
CA ASN A 182 13.06 21.59 -19.48
C ASN A 182 12.11 22.64 -18.90
N GLY A 183 11.83 22.53 -17.59
CA GLY A 183 10.92 23.48 -16.98
C GLY A 183 9.45 23.25 -17.26
N ARG A 184 9.10 22.14 -17.93
CA ARG A 184 7.70 21.85 -18.25
C ARG A 184 7.34 20.41 -17.86
N VAL A 185 7.99 19.88 -16.82
CA VAL A 185 7.75 18.52 -16.34
C VAL A 185 7.27 18.61 -14.90
N PHE A 186 6.10 18.04 -14.64
CA PHE A 186 5.57 17.96 -13.28
C PHE A 186 6.07 16.70 -12.56
N ALA A 187 6.07 15.56 -13.27
CA ALA A 187 6.40 14.30 -12.63
C ALA A 187 6.86 13.29 -13.66
N ILE A 188 7.46 12.21 -13.14
CA ILE A 188 7.70 10.98 -13.86
C ILE A 188 6.72 9.94 -13.34
N HIS A 189 6.15 9.15 -14.26
CA HIS A 189 5.21 8.10 -13.90
C HIS A 189 5.81 6.74 -14.28
N ALA A 190 5.65 5.75 -13.41
CA ALA A 190 6.16 4.43 -13.72
C ALA A 190 5.36 3.37 -12.97
N LYS A 191 5.28 2.18 -13.58
CA LYS A 191 4.63 1.07 -12.92
C LYS A 191 5.62 0.40 -11.97
N ASP A 192 5.13 0.07 -10.78
CA ASP A 192 5.94 -0.52 -9.73
C ASP A 192 5.53 -1.98 -9.57
N ASP A 193 6.50 -2.88 -9.75
CA ASP A 193 6.26 -4.30 -9.59
C ASP A 193 6.72 -4.84 -8.25
N ALA A 194 7.38 -4.02 -7.43
CA ALA A 194 7.93 -4.50 -6.17
C ALA A 194 6.85 -4.54 -5.10
N PRO A 195 6.84 -5.58 -4.26
CA PRO A 195 5.85 -5.65 -3.19
C PRO A 195 5.98 -4.46 -2.23
N ALA A 196 4.84 -4.06 -1.68
CA ALA A 196 4.85 -3.01 -0.66
C ALA A 196 5.64 -3.47 0.56
N GLY A 197 6.39 -2.55 1.16
CA GLY A 197 7.20 -2.82 2.34
C GLY A 197 7.43 -1.55 3.13
N THR A 198 7.94 -1.72 4.34
CA THR A 198 8.15 -0.57 5.20
C THR A 198 9.38 0.23 4.76
N ALA A 199 9.44 1.47 5.23
CA ALA A 199 10.56 2.37 4.96
C ALA A 199 10.46 3.59 5.87
N LEU A 213 15.11 0.63 -19.49
CA LEU A 213 14.91 1.87 -18.74
C LEU A 213 16.07 2.12 -17.78
N ASP A 214 16.88 3.12 -18.11
CA ASP A 214 18.07 3.45 -17.34
C ASP A 214 17.71 4.54 -16.32
N TRP A 215 17.16 4.08 -15.19
CA TRP A 215 16.73 5.02 -14.15
C TRP A 215 17.89 5.88 -13.67
N LYS A 216 19.11 5.40 -13.82
CA LYS A 216 20.27 6.13 -13.32
C LYS A 216 20.51 7.41 -14.11
N THR A 217 20.12 7.46 -15.39
CA THR A 217 20.15 8.72 -16.13
C THR A 217 18.80 9.42 -16.18
N ILE A 218 17.69 8.66 -16.15
CA ILE A 218 16.37 9.28 -16.29
C ILE A 218 16.06 10.18 -15.09
N LEU A 219 16.22 9.68 -13.87
CA LEU A 219 15.81 10.48 -12.71
C LEU A 219 16.63 11.75 -12.55
N PRO A 220 17.96 11.77 -12.77
CA PRO A 220 18.66 13.06 -12.80
C PRO A 220 18.18 13.99 -13.90
N ALA A 221 17.96 13.48 -15.12
CA ALA A 221 17.39 14.31 -16.17
C ALA A 221 16.03 14.87 -15.76
N ALA A 222 15.20 14.04 -15.11
CA ALA A 222 13.90 14.50 -14.64
C ALA A 222 14.05 15.64 -13.64
N LYS A 223 14.92 15.46 -12.64
CA LYS A 223 15.09 16.49 -11.61
C LYS A 223 15.61 17.79 -12.20
N HIS A 224 16.54 17.71 -13.15
CA HIS A 224 17.06 18.92 -13.76
C HIS A 224 16.00 19.66 -14.56
N ALA A 225 15.04 18.93 -15.15
CA ALA A 225 13.93 19.52 -15.89
C ALA A 225 12.85 20.13 -14.99
N GLY A 226 12.92 19.91 -13.68
CA GLY A 226 11.98 20.49 -12.76
C GLY A 226 10.91 19.54 -12.23
N ALA A 227 11.03 18.25 -12.49
CA ALA A 227 10.07 17.29 -11.96
C ALA A 227 9.99 17.39 -10.44
N GLN A 228 8.75 17.36 -9.91
CA GLN A 228 8.51 17.41 -8.48
C GLN A 228 8.23 16.05 -7.85
N TRP A 229 7.84 15.04 -8.63
CA TRP A 229 7.38 13.77 -8.08
C TRP A 229 7.75 12.61 -9.00
N PHE A 230 8.04 11.47 -8.37
CA PHE A 230 8.14 10.18 -9.03
C PHE A 230 6.88 9.43 -8.61
N ILE A 231 5.92 9.30 -9.53
CA ILE A 231 4.61 8.73 -9.23
C ILE A 231 4.61 7.26 -9.61
N LEU A 232 4.38 6.40 -8.62
CA LEU A 232 4.45 4.95 -8.79
C LEU A 232 3.04 4.34 -8.74
N GLU A 233 2.78 3.41 -9.65
CA GLU A 233 1.50 2.77 -9.81
C GLU A 233 1.65 1.25 -9.71
N HIS A 234 0.78 0.62 -8.91
CA HIS A 234 0.64 -0.84 -8.86
C HIS A 234 -0.63 -1.24 -9.61
N ASP A 235 -0.53 -2.29 -10.42
CA ASP A 235 -1.63 -2.70 -11.29
C ASP A 235 -2.36 -3.93 -10.75
N LEU A 236 -3.63 -4.06 -11.14
CA LEU A 236 -4.28 -5.37 -11.11
C LEU A 236 -3.65 -6.28 -12.15
N PRO A 237 -3.46 -7.56 -11.86
CA PRO A 237 -3.02 -8.49 -12.90
C PRO A 237 -4.13 -8.69 -13.92
N LEU A 238 -3.72 -9.02 -15.14
CA LEU A 238 -4.68 -9.34 -16.20
C LEU A 238 -5.23 -10.76 -16.02
N SER B 5 16.64 -5.78 3.33
CA SER B 5 17.75 -5.17 4.05
C SER B 5 17.26 -4.50 5.32
N LYS B 6 16.61 -3.35 5.17
CA LYS B 6 15.99 -2.62 6.26
C LYS B 6 14.48 -2.51 6.06
N THR B 7 13.92 -3.25 5.11
CA THR B 7 12.49 -3.21 4.84
C THR B 7 11.82 -4.50 5.32
N LEU B 8 10.63 -4.34 5.88
CA LEU B 8 9.74 -5.46 6.17
C LEU B 8 8.65 -5.50 5.13
N PRO B 9 8.44 -6.61 4.45
CA PRO B 9 7.31 -6.69 3.52
C PRO B 9 6.01 -6.56 4.30
N ILE B 10 5.00 -6.03 3.62
CA ILE B 10 3.71 -5.75 4.25
C ILE B 10 2.73 -6.81 3.80
N ALA B 11 1.99 -7.37 4.74
CA ALA B 11 0.85 -8.22 4.44
C ALA B 11 -0.38 -7.61 5.08
N ALA B 12 -1.54 -7.99 4.54
CA ALA B 12 -2.81 -7.52 5.08
C ALA B 12 -3.55 -8.69 5.71
N GLN B 13 -4.11 -8.45 6.89
CA GLN B 13 -5.03 -9.43 7.48
C GLN B 13 -6.39 -9.24 6.85
N MET B 14 -6.91 -10.28 6.20
CA MET B 14 -8.20 -10.18 5.55
C MET B 14 -9.30 -9.96 6.58
N TYR B 15 -10.40 -9.33 6.16
CA TYR B 15 -11.53 -9.10 7.03
C TYR B 15 -12.80 -9.71 6.45
N THR B 16 -13.79 -9.85 7.32
CA THR B 16 -15.09 -10.37 6.96
C THR B 16 -15.80 -9.43 5.97
N LEU B 17 -16.76 -10.00 5.23
CA LEU B 17 -17.52 -9.24 4.24
C LEU B 17 -18.74 -8.62 4.92
N ARG B 18 -18.74 -7.29 5.03
CA ARG B 18 -19.88 -6.54 5.53
C ARG B 18 -20.50 -5.71 4.42
N ASN B 19 -21.81 -5.51 4.52
CA ASN B 19 -22.59 -4.65 3.60
C ASN B 19 -22.56 -5.31 2.22
N ALA B 20 -22.26 -4.57 1.15
CA ALA B 20 -22.15 -5.17 -0.17
C ALA B 20 -20.75 -5.68 -0.47
N GLY B 21 -19.76 -5.31 0.37
CA GLY B 21 -18.37 -5.60 0.15
C GLY B 21 -18.06 -7.02 -0.27
N THR B 22 -17.46 -7.18 -1.43
CA THR B 22 -17.11 -8.51 -1.93
C THR B 22 -15.68 -8.85 -1.54
N LEU B 23 -15.36 -10.14 -1.65
CA LEU B 23 -14.00 -10.60 -1.39
C LEU B 23 -13.05 -10.14 -2.48
N GLU B 24 -13.50 -10.12 -3.73
CA GLU B 24 -12.62 -9.71 -4.82
C GLU B 24 -12.31 -8.23 -4.76
N GLU B 25 -13.24 -7.41 -4.26
CA GLU B 25 -12.90 -6.01 -4.02
C GLU B 25 -11.80 -5.87 -2.97
N GLN B 26 -11.78 -6.77 -1.97
CA GLN B 26 -10.69 -6.76 -1.00
C GLN B 26 -9.35 -7.05 -1.68
N LEU B 27 -9.31 -8.06 -2.53
CA LEU B 27 -8.03 -8.43 -3.17
C LEU B 27 -7.60 -7.37 -4.18
N ALA B 28 -8.56 -6.75 -4.87
CA ALA B 28 -8.23 -5.71 -5.84
C ALA B 28 -7.59 -4.50 -5.17
N ILE B 29 -8.13 -4.09 -4.00
CA ILE B 29 -7.51 -3.04 -3.21
C ILE B 29 -6.06 -3.41 -2.90
N LEU B 30 -5.81 -4.66 -2.52
CA LEU B 30 -4.45 -5.05 -2.15
C LEU B 30 -3.53 -5.02 -3.36
N ASN B 31 -4.03 -5.47 -4.52
CA ASN B 31 -3.27 -5.38 -5.75
C ASN B 31 -2.88 -3.94 -6.06
N ARG B 32 -3.82 -3.00 -5.92
CA ARG B 32 -3.54 -1.61 -6.23
C ARG B 32 -2.67 -0.94 -5.19
N ALA B 33 -2.67 -1.44 -3.95
CA ALA B 33 -1.74 -0.96 -2.93
C ALA B 33 -0.39 -1.66 -3.01
N GLY B 34 -0.26 -2.71 -3.82
CA GLY B 34 0.98 -3.44 -3.94
C GLY B 34 1.22 -4.49 -2.89
N VAL B 35 0.19 -4.90 -2.15
CA VAL B 35 0.34 -5.87 -1.08
C VAL B 35 0.33 -7.28 -1.67
N SER B 36 1.40 -8.04 -1.45
CA SER B 36 1.60 -9.35 -2.06
C SER B 36 1.14 -10.52 -1.18
N ALA B 37 0.80 -10.30 0.08
CA ALA B 37 0.56 -11.40 0.99
C ALA B 37 -0.59 -11.07 1.93
N VAL B 38 -1.29 -12.10 2.40
CA VAL B 38 -2.39 -11.92 3.33
C VAL B 38 -2.26 -12.90 4.50
N GLU B 39 -2.82 -12.49 5.63
CA GLU B 39 -3.11 -13.37 6.75
C GLU B 39 -4.61 -13.63 6.74
N THR B 40 -4.99 -14.90 6.60
CA THR B 40 -6.43 -15.17 6.49
C THR B 40 -7.07 -15.36 7.88
N VAL B 41 -8.40 -15.28 7.88
CA VAL B 41 -9.22 -15.43 9.08
C VAL B 41 -10.37 -16.40 8.76
N ASP B 42 -11.24 -16.62 9.74
CA ASP B 42 -12.42 -17.45 9.51
C ASP B 42 -13.63 -16.57 9.18
N VAL B 46 -15.61 -20.64 4.11
CA VAL B 46 -15.65 -20.80 2.66
C VAL B 46 -14.47 -21.70 2.24
N SER B 47 -14.66 -22.49 1.19
CA SER B 47 -13.80 -23.64 0.93
C SER B 47 -12.42 -23.23 0.42
N ALA B 48 -11.45 -24.14 0.63
CA ALA B 48 -10.10 -23.95 0.14
C ALA B 48 -10.09 -23.83 -1.39
N SER B 49 -10.95 -24.60 -2.06
CA SER B 49 -11.08 -24.50 -3.51
C SER B 49 -11.39 -23.07 -3.93
N GLU B 50 -12.28 -22.39 -3.21
CA GLU B 50 -12.73 -21.06 -3.62
C GLU B 50 -11.69 -19.98 -3.35
N LEU B 51 -10.92 -20.12 -2.26
CA LEU B 51 -9.99 -19.07 -1.87
C LEU B 51 -8.62 -19.24 -2.50
N ASN B 52 -8.17 -20.48 -2.70
CA ASN B 52 -7.01 -20.70 -3.56
C ASN B 52 -7.21 -20.08 -4.93
N ALA B 53 -8.41 -20.23 -5.50
CA ALA B 53 -8.68 -19.75 -6.85
C ALA B 53 -8.61 -18.22 -6.92
N LEU B 54 -9.20 -17.54 -5.94
CA LEU B 54 -9.17 -16.08 -5.95
C LEU B 54 -7.80 -15.53 -5.63
N LEU B 55 -7.05 -16.21 -4.75
CA LEU B 55 -5.71 -15.72 -4.42
C LEU B 55 -4.75 -15.90 -5.58
N GLU B 56 -4.82 -17.04 -6.27
CA GLU B 56 -3.94 -17.22 -7.43
C GLU B 56 -4.30 -16.28 -8.56
N LYS B 57 -5.60 -16.00 -8.77
CA LYS B 57 -5.97 -15.07 -9.82
C LYS B 57 -5.50 -13.65 -9.50
N HIS B 58 -5.37 -13.31 -8.23
CA HIS B 58 -4.82 -12.02 -7.84
C HIS B 58 -3.34 -12.09 -7.47
N LYS B 59 -2.71 -13.26 -7.61
CA LYS B 59 -1.29 -13.45 -7.35
C LYS B 59 -0.91 -13.01 -5.93
N ILE B 60 -1.71 -13.44 -4.96
CA ILE B 60 -1.49 -13.12 -3.56
C ILE B 60 -1.38 -14.42 -2.80
N LYS B 61 -0.33 -14.54 -1.97
CA LYS B 61 -0.09 -15.76 -1.21
C LYS B 61 -0.52 -15.59 0.24
N VAL B 62 -0.92 -16.71 0.85
CA VAL B 62 -1.22 -16.73 2.28
C VAL B 62 0.07 -16.96 3.04
N ILE B 63 0.38 -16.08 3.99
CA ILE B 63 1.59 -16.25 4.80
C ILE B 63 1.29 -16.63 6.24
N SER B 64 0.02 -16.64 6.64
CA SER B 64 -0.41 -16.89 8.02
C SER B 64 -1.93 -17.07 8.01
N SER B 65 -2.43 -17.84 8.99
CA SER B 65 -3.89 -17.98 9.16
C SER B 65 -4.23 -18.05 10.63
N HIS B 66 -5.22 -17.25 11.04
CA HIS B 66 -5.72 -17.27 12.42
C HIS B 66 -6.52 -18.54 12.65
N VAL B 67 -6.07 -19.37 13.59
CA VAL B 67 -6.75 -20.62 13.93
C VAL B 67 -7.10 -20.60 15.42
N PRO B 68 -8.37 -20.74 15.79
CA PRO B 68 -8.74 -20.60 17.20
C PRO B 68 -8.24 -21.76 18.06
N ILE B 69 -8.01 -21.44 19.35
CA ILE B 69 -7.42 -22.40 20.28
C ILE B 69 -8.29 -23.64 20.43
N ASP B 70 -9.61 -23.49 20.30
CA ASP B 70 -10.45 -24.68 20.48
C ASP B 70 -10.28 -25.67 19.32
N LYS B 71 -9.96 -25.18 18.12
CA LYS B 71 -9.63 -26.09 17.02
C LYS B 71 -8.30 -26.80 17.28
N LEU B 72 -7.29 -26.06 17.72
CA LEU B 72 -6.01 -26.67 18.06
C LEU B 72 -6.18 -27.75 19.12
N ARG B 73 -7.06 -27.53 20.10
CA ARG B 73 -7.26 -28.51 21.16
C ARG B 73 -8.15 -29.66 20.71
N GLY B 74 -9.09 -29.41 19.80
CA GLY B 74 -10.09 -30.40 19.44
C GLY B 74 -9.71 -31.35 18.32
N ASN B 75 -9.14 -30.83 17.24
CA ASN B 75 -8.81 -31.66 16.07
C ASN B 75 -7.61 -31.03 15.37
N LEU B 76 -6.40 -31.38 15.84
CA LEU B 76 -5.19 -30.77 15.31
C LEU B 76 -4.80 -31.33 13.95
N ASP B 77 -4.93 -32.65 13.75
CA ASP B 77 -4.62 -33.22 12.45
C ASP B 77 -5.52 -32.66 11.37
N GLU B 78 -6.74 -32.23 11.73
CA GLU B 78 -7.60 -31.56 10.77
C GLU B 78 -7.14 -30.13 10.50
N VAL B 79 -6.66 -29.43 11.53
CA VAL B 79 -6.03 -28.13 11.31
C VAL B 79 -4.89 -28.25 10.32
N ILE B 80 -4.04 -29.27 10.48
CA ILE B 80 -2.90 -29.45 9.59
C ILE B 80 -3.37 -29.63 8.15
N THR B 81 -4.34 -30.53 7.95
CA THR B 81 -4.83 -30.81 6.59
C THR B 81 -5.39 -29.56 5.94
N GLU B 82 -6.19 -28.78 6.67
CA GLU B 82 -6.82 -27.59 6.09
C GLU B 82 -5.79 -26.53 5.73
N GLN B 83 -4.78 -26.33 6.58
CA GLN B 83 -3.77 -25.31 6.27
C GLN B 83 -2.95 -25.71 5.05
N LYS B 84 -2.53 -26.96 4.98
CA LYS B 84 -1.75 -27.41 3.82
C LYS B 84 -2.55 -27.33 2.54
N ALA B 85 -3.89 -27.42 2.63
CA ALA B 85 -4.72 -27.39 1.43
C ALA B 85 -4.65 -26.03 0.74
N VAL B 86 -4.52 -24.95 1.50
CA VAL B 86 -4.41 -23.61 0.91
C VAL B 86 -2.96 -23.13 0.86
N GLY B 87 -2.00 -23.99 1.18
CA GLY B 87 -0.62 -23.57 1.12
C GLY B 87 -0.21 -22.59 2.20
N ASN B 88 -0.96 -22.52 3.30
CA ASN B 88 -0.61 -21.66 4.42
C ASN B 88 0.53 -22.27 5.22
N PRO B 89 1.65 -21.56 5.40
CA PRO B 89 2.77 -22.11 6.17
C PRO B 89 2.76 -21.84 7.68
N VAL B 90 1.96 -20.89 8.18
CA VAL B 90 2.05 -20.46 9.60
C VAL B 90 0.67 -20.48 10.26
N VAL B 91 0.52 -21.31 11.29
CA VAL B 91 -0.67 -21.38 12.12
C VAL B 91 -0.54 -20.38 13.27
N THR B 92 -1.46 -19.41 13.34
CA THR B 92 -1.37 -18.34 14.33
C THR B 92 -2.57 -18.37 15.28
N VAL B 93 -2.30 -18.45 16.58
CA VAL B 93 -3.31 -18.32 17.63
C VAL B 93 -3.67 -16.84 17.76
N PRO B 94 -4.90 -16.46 17.52
CA PRO B 94 -5.21 -15.03 17.37
C PRO B 94 -5.64 -14.35 18.66
N PHE B 95 -6.10 -15.13 19.64
CA PHE B 95 -6.94 -14.58 20.70
C PHE B 95 -7.19 -15.66 21.74
N LEU B 96 -7.54 -15.23 22.95
CA LEU B 96 -8.08 -16.13 23.96
C LEU B 96 -9.33 -15.47 24.51
N LYS B 97 -10.45 -16.19 24.52
CA LYS B 97 -11.62 -15.65 25.17
C LYS B 97 -11.39 -15.60 26.68
N PRO B 98 -12.04 -14.64 27.40
CA PRO B 98 -11.77 -14.47 28.83
C PRO B 98 -11.73 -15.77 29.64
N GLU B 99 -12.67 -16.70 29.39
CA GLU B 99 -12.71 -17.97 30.13
C GLU B 99 -11.49 -18.84 29.91
N ASP B 100 -10.77 -18.67 28.81
CA ASP B 100 -9.59 -19.47 28.49
C ASP B 100 -8.28 -18.80 28.94
N ARG B 101 -8.36 -17.63 29.58
CA ARG B 101 -7.15 -16.92 29.98
C ARG B 101 -6.66 -17.44 31.32
N PRO B 102 -5.42 -17.94 31.41
CA PRO B 102 -4.90 -18.33 32.72
C PRO B 102 -4.95 -17.16 33.71
N LYS B 103 -4.90 -17.50 34.99
CA LYS B 103 -5.09 -16.52 36.05
C LYS B 103 -3.83 -16.16 36.82
N ASP B 104 -2.75 -16.95 36.71
CA ASP B 104 -1.54 -16.65 37.47
C ASP B 104 -0.33 -17.08 36.65
N ALA B 105 0.87 -16.81 37.19
CA ALA B 105 2.08 -17.11 36.44
C ALA B 105 2.18 -18.59 36.10
N ALA B 106 1.85 -19.46 37.07
CA ALA B 106 1.90 -20.91 36.80
C ALA B 106 0.99 -21.29 35.65
N GLY B 107 -0.17 -20.64 35.56
CA GLY B 107 -1.10 -20.95 34.48
C GLY B 107 -0.61 -20.50 33.13
N TRP B 108 0.01 -19.32 33.06
CA TRP B 108 0.56 -18.88 31.78
C TRP B 108 1.71 -19.77 31.34
N THR B 109 2.53 -20.23 32.29
CA THR B 109 3.58 -21.21 31.97
C THR B 109 2.99 -22.51 31.43
N ALA B 110 1.98 -23.05 32.12
CA ALA B 110 1.33 -24.28 31.62
C ALA B 110 0.72 -24.07 30.24
N PHE B 111 0.19 -22.89 29.98
CA PHE B 111 -0.39 -22.61 28.66
C PHE B 111 0.68 -22.58 27.58
N GLY B 112 1.81 -21.93 27.88
CA GLY B 112 2.96 -21.99 26.98
C GLY B 112 3.41 -23.41 26.68
N LYS B 113 3.48 -24.27 27.70
CA LYS B 113 3.88 -25.65 27.47
C LYS B 113 2.87 -26.35 26.56
N GLU B 114 1.58 -26.10 26.76
CA GLU B 114 0.56 -26.66 25.88
C GLU B 114 0.76 -26.25 24.43
N LEU B 115 0.95 -24.95 24.20
CA LEU B 115 1.15 -24.45 22.84
C LEU B 115 2.42 -25.03 22.24
N GLY B 116 3.46 -25.19 23.06
CA GLY B 116 4.71 -25.77 22.56
C GLY B 116 4.56 -27.21 22.10
N GLY B 117 3.66 -27.96 22.73
CA GLY B 117 3.32 -29.27 22.23
C GLY B 117 2.69 -29.22 20.85
N TYR B 118 1.75 -28.28 20.64
CA TYR B 118 1.15 -28.13 19.31
C TYR B 118 2.20 -27.67 18.30
N ALA B 119 3.11 -26.77 18.70
CA ALA B 119 4.14 -26.30 17.80
C ALA B 119 5.06 -27.44 17.34
N ASP B 120 5.38 -28.37 18.25
CA ASP B 120 6.20 -29.52 17.88
C ASP B 120 5.48 -30.41 16.88
N LYS B 121 4.18 -30.64 17.10
CA LYS B 121 3.43 -31.48 16.17
C LYS B 121 3.23 -30.80 14.83
N LEU B 122 2.95 -29.48 14.84
CA LEU B 122 2.83 -28.76 13.58
C LEU B 122 4.14 -28.80 12.80
N SER B 123 5.28 -28.64 13.52
CA SER B 123 6.59 -28.66 12.90
C SER B 123 6.90 -30.01 12.23
N ALA B 124 6.53 -31.12 12.89
CA ALA B 124 6.72 -32.43 12.26
C ALA B 124 5.90 -32.57 11.00
N ALA B 125 4.79 -31.85 10.90
CA ALA B 125 3.96 -31.85 9.69
C ALA B 125 4.40 -30.80 8.68
N GLY B 126 5.49 -30.09 8.95
CA GLY B 126 6.00 -29.10 8.04
C GLY B 126 5.39 -27.71 8.17
N LEU B 127 4.68 -27.41 9.27
CA LEU B 127 4.02 -26.12 9.48
C LEU B 127 4.62 -25.37 10.67
N SER B 128 4.63 -24.04 10.59
CA SER B 128 5.12 -23.22 11.69
C SER B 128 3.95 -22.68 12.52
N MET B 129 4.29 -22.05 13.65
CA MET B 129 3.28 -21.60 14.61
C MET B 129 3.64 -20.26 15.22
N ALA B 130 2.66 -19.36 15.30
CA ALA B 130 2.86 -18.09 15.97
C ALA B 130 1.73 -17.81 16.95
N TYR B 131 1.94 -16.81 17.81
CA TYR B 131 0.97 -16.42 18.83
C TYR B 131 0.77 -14.91 18.77
N HIS B 132 -0.47 -14.47 18.55
CA HIS B 132 -0.79 -13.05 18.45
C HIS B 132 -1.39 -12.54 19.78
N ASN B 133 -0.74 -11.56 20.39
CA ASN B 133 -1.16 -11.04 21.69
C ASN B 133 -2.16 -9.89 21.57
N HIS B 134 -2.89 -9.66 22.67
CA HIS B 134 -3.61 -8.40 22.87
C HIS B 134 -3.08 -7.73 24.13
N ASP B 135 -3.97 -7.19 24.95
CA ASP B 135 -3.54 -6.49 26.17
C ASP B 135 -3.43 -7.41 27.40
N PHE B 136 -4.29 -8.42 27.51
CA PHE B 136 -4.29 -9.23 28.74
C PHE B 136 -3.01 -10.04 28.95
N GLU B 137 -2.24 -10.30 27.89
CA GLU B 137 -0.97 -11.00 28.06
C GLU B 137 0.13 -10.08 28.56
N MET B 138 -0.13 -8.78 28.69
CA MET B 138 0.88 -7.85 29.16
C MET B 138 0.89 -7.72 30.68
N VAL B 139 -0.03 -8.39 31.38
CA VAL B 139 -0.01 -8.42 32.84
C VAL B 139 1.31 -9.02 33.34
N LYS B 140 1.79 -8.55 34.49
CA LYS B 140 3.11 -8.93 34.98
C LYS B 140 3.03 -9.68 36.28
N PHE B 141 3.90 -10.68 36.42
CA PHE B 141 4.09 -11.43 37.66
C PHE B 141 5.58 -11.40 38.00
N ASP B 142 5.93 -10.81 39.15
CA ASP B 142 7.33 -10.65 39.55
C ASP B 142 8.19 -10.07 38.43
N GLY B 143 7.64 -9.07 37.73
CA GLY B 143 8.39 -8.38 36.68
C GLY B 143 8.28 -8.96 35.27
N LYS B 144 7.72 -10.15 35.08
CA LYS B 144 7.66 -10.79 33.76
C LYS B 144 6.23 -10.82 33.23
N THR B 145 6.05 -10.45 31.96
CA THR B 145 4.73 -10.48 31.36
C THR B 145 4.27 -11.93 31.16
N ALA B 146 2.95 -12.12 31.20
CA ALA B 146 2.37 -13.41 30.80
C ALA B 146 2.84 -13.84 29.40
N LEU B 147 3.00 -12.87 28.51
CA LEU B 147 3.43 -13.17 27.14
C LEU B 147 4.82 -13.78 27.11
N GLU B 148 5.76 -13.20 27.87
CA GLU B 148 7.09 -13.78 27.94
C GLU B 148 7.07 -15.15 28.61
N LEU B 149 6.30 -15.29 29.70
CA LEU B 149 6.17 -16.60 30.34
C LEU B 149 5.75 -17.67 29.34
N LEU B 150 4.75 -17.39 28.50
CA LEU B 150 4.21 -18.44 27.65
C LEU B 150 5.14 -18.75 26.48
N LEU B 151 5.76 -17.70 25.91
CA LEU B 151 6.68 -17.89 24.78
C LEU B 151 7.95 -18.61 25.20
N ASP B 152 8.54 -18.19 26.32
CA ASP B 152 9.70 -18.89 26.89
C ASP B 152 9.37 -20.34 27.20
N ALA B 153 8.20 -20.61 27.79
CA ALA B 153 7.85 -21.99 28.14
C ALA B 153 7.55 -22.83 26.90
N ALA B 154 7.02 -22.20 25.85
CA ALA B 154 6.68 -22.95 24.64
C ALA B 154 7.92 -23.39 23.86
N GLY B 155 9.01 -22.63 23.96
CA GLY B 155 10.18 -22.91 23.16
C GLY B 155 10.12 -22.24 21.80
N PRO B 156 11.26 -22.22 21.10
CA PRO B 156 11.38 -21.37 19.91
C PRO B 156 10.63 -21.86 18.67
N LYS B 157 9.96 -23.01 18.72
CA LYS B 157 9.06 -23.33 17.62
C LYS B 157 7.78 -22.51 17.66
N LEU B 158 7.52 -21.79 18.75
CA LEU B 158 6.43 -20.82 18.80
C LEU B 158 7.05 -19.43 18.69
N GLN B 159 6.62 -18.67 17.68
CA GLN B 159 7.09 -17.30 17.52
C GLN B 159 5.97 -16.32 17.86
N SER B 160 6.36 -15.05 18.02
CA SER B 160 5.42 -13.99 18.37
C SER B 160 4.94 -13.28 17.11
N GLU B 161 3.63 -13.11 16.99
CA GLU B 161 3.06 -12.08 16.12
C GLU B 161 2.76 -10.90 17.03
N LEU B 162 3.72 -9.98 17.16
CA LEU B 162 3.72 -9.03 18.26
C LEU B 162 2.84 -7.83 17.93
N ASP B 163 1.79 -7.65 18.72
CA ASP B 163 0.92 -6.50 18.54
C ASP B 163 1.52 -5.33 19.33
N VAL B 164 2.25 -4.46 18.63
CA VAL B 164 3.11 -3.51 19.32
C VAL B 164 2.29 -2.41 20.01
N ALA B 165 1.08 -2.11 19.51
CA ALA B 165 0.25 -1.10 20.16
C ALA B 165 -0.12 -1.50 21.57
N TRP B 166 -0.50 -2.77 21.77
CA TRP B 166 -0.86 -3.24 23.10
C TRP B 166 0.35 -3.35 24.02
N VAL B 167 1.52 -3.66 23.47
CA VAL B 167 2.75 -3.61 24.26
C VAL B 167 2.99 -2.20 24.80
N ALA B 168 2.93 -1.20 23.90
CA ALA B 168 3.20 0.18 24.31
C ALA B 168 2.12 0.70 25.26
N ARG B 169 0.85 0.37 25.00
CA ARG B 169 -0.25 0.84 25.84
C ARG B 169 -0.13 0.32 27.27
N SER B 170 0.51 -0.83 27.46
CA SER B 170 0.68 -1.38 28.79
C SER B 170 1.86 -0.77 29.53
N GLY B 171 2.60 0.12 28.90
CA GLY B 171 3.74 0.75 29.54
C GLY B 171 5.06 0.10 29.25
N ASN B 172 5.14 -0.75 28.23
CA ASN B 172 6.38 -1.43 27.86
C ASN B 172 6.84 -0.86 26.53
N ASP B 173 8.13 -0.57 26.42
CA ASP B 173 8.67 -0.05 25.17
C ASP B 173 8.71 -1.16 24.13
N PRO B 174 7.99 -1.04 23.00
CA PRO B 174 7.93 -2.15 22.03
C PRO B 174 9.28 -2.50 21.44
N ALA B 175 10.13 -1.51 21.20
CA ALA B 175 11.48 -1.77 20.68
C ALA B 175 12.25 -2.67 21.64
N GLU B 176 12.24 -2.33 22.93
CA GLU B 176 12.94 -3.14 23.92
C GLU B 176 12.34 -4.53 24.03
N PHE B 177 11.01 -4.62 23.96
CA PHE B 177 10.36 -5.93 24.08
C PHE B 177 10.77 -6.84 22.93
N LEU B 178 10.85 -6.28 21.71
CA LEU B 178 11.32 -7.06 20.57
C LEU B 178 12.72 -7.61 20.81
N GLY B 179 13.55 -6.86 21.54
CA GLY B 179 14.89 -7.33 21.83
C GLY B 179 14.91 -8.58 22.68
N THR B 180 13.91 -8.76 23.54
CA THR B 180 13.83 -10.00 24.34
C THR B 180 13.36 -11.20 23.51
N LEU B 181 12.91 -10.97 22.28
CA LEU B 181 12.35 -12.00 21.42
C LEU B 181 13.18 -12.20 20.15
N ASN B 182 14.47 -11.88 20.22
CA ASN B 182 15.35 -12.03 19.07
C ASN B 182 15.27 -13.45 18.52
N GLY B 183 15.04 -13.58 17.22
CA GLY B 183 14.92 -14.89 16.60
C GLY B 183 13.62 -15.62 16.91
N ARG B 184 12.68 -14.98 17.59
CA ARG B 184 11.42 -15.60 17.99
C ARG B 184 10.24 -14.71 17.61
N VAL B 185 10.40 -13.89 16.58
CA VAL B 185 9.34 -12.98 16.13
C VAL B 185 8.99 -13.32 14.69
N PHE B 186 7.73 -13.70 14.46
CA PHE B 186 7.29 -13.96 13.10
C PHE B 186 6.90 -12.67 12.39
N ALA B 187 6.17 -11.79 13.08
CA ALA B 187 5.67 -10.59 12.43
C ALA B 187 5.42 -9.52 13.46
N ILE B 188 5.31 -8.27 12.95
CA ILE B 188 4.74 -7.14 13.69
C ILE B 188 3.29 -6.97 13.23
N HIS B 189 2.40 -6.69 14.18
CA HIS B 189 0.97 -6.52 13.91
C HIS B 189 0.59 -5.09 14.28
N ALA B 190 -0.19 -4.43 13.41
CA ALA B 190 -0.66 -3.09 13.73
C ALA B 190 -1.97 -2.84 13.00
N LYS B 191 -2.74 -1.88 13.52
CA LYS B 191 -4.02 -1.56 12.93
C LYS B 191 -3.89 -0.31 12.05
N ASP B 192 -4.88 -0.11 11.18
CA ASP B 192 -4.79 0.96 10.20
C ASP B 192 -5.48 2.26 10.64
N ASP B 193 -6.03 2.30 11.85
CA ASP B 193 -6.76 3.47 12.34
C ASP B 193 -5.91 4.34 13.25
N ALA B 194 -4.59 4.22 13.17
CA ALA B 194 -3.69 5.00 14.02
C ALA B 194 -3.24 6.27 13.30
N PRO B 195 -3.21 7.40 13.99
CA PRO B 195 -2.79 8.64 13.33
C PRO B 195 -1.31 8.60 12.99
N ALA B 196 -0.93 9.40 11.99
CA ALA B 196 0.48 9.48 11.60
C ALA B 196 1.23 10.35 12.61
N GLY B 197 2.47 9.97 12.89
CA GLY B 197 3.24 10.61 13.94
C GLY B 197 3.83 11.96 13.59
N VAL B 212 2.20 7.98 19.08
CA VAL B 212 2.14 6.95 20.12
C VAL B 212 3.29 5.96 19.95
N LEU B 213 3.34 5.32 18.78
CA LEU B 213 4.34 4.31 18.49
C LEU B 213 5.52 4.95 17.77
N ASP B 214 6.72 4.67 18.26
CA ASP B 214 7.94 5.19 17.66
C ASP B 214 8.43 4.18 16.63
N TRP B 215 7.90 4.28 15.41
CA TRP B 215 8.29 3.37 14.34
C TRP B 215 9.75 3.51 13.93
N LYS B 216 10.39 4.64 14.25
CA LYS B 216 11.81 4.79 13.97
C LYS B 216 12.66 3.80 14.75
N THR B 217 12.23 3.40 15.95
CA THR B 217 12.94 2.37 16.69
C THR B 217 12.31 0.99 16.55
N ILE B 218 10.99 0.91 16.40
CA ILE B 218 10.31 -0.39 16.34
C ILE B 218 10.76 -1.17 15.11
N LEU B 219 10.75 -0.52 13.95
CA LEU B 219 11.06 -1.21 12.70
C LEU B 219 12.48 -1.79 12.67
N PRO B 220 13.53 -1.05 13.03
CA PRO B 220 14.87 -1.69 13.07
C PRO B 220 14.96 -2.79 14.11
N ALA B 221 14.30 -2.62 15.26
CA ALA B 221 14.27 -3.69 16.26
C ALA B 221 13.56 -4.92 15.71
N ALA B 222 12.43 -4.71 15.01
CA ALA B 222 11.72 -5.84 14.42
C ALA B 222 12.59 -6.56 13.39
N LYS B 223 13.27 -5.80 12.54
CA LYS B 223 14.14 -6.40 11.53
C LYS B 223 15.30 -7.18 12.18
N HIS B 224 15.99 -6.55 13.14
CA HIS B 224 17.07 -7.24 13.83
C HIS B 224 16.59 -8.54 14.48
N ALA B 225 15.37 -8.55 15.01
CA ALA B 225 14.84 -9.73 15.69
C ALA B 225 14.41 -10.83 14.73
N GLY B 226 14.39 -10.56 13.42
CA GLY B 226 14.05 -11.57 12.43
C GLY B 226 12.60 -11.59 11.99
N ALA B 227 11.85 -10.53 12.25
CA ALA B 227 10.47 -10.45 11.77
C ALA B 227 10.47 -10.59 10.26
N GLN B 228 9.53 -11.42 9.76
CA GLN B 228 9.37 -11.66 8.35
C GLN B 228 8.31 -10.79 7.70
N TRP B 229 7.35 -10.28 8.47
CA TRP B 229 6.25 -9.51 7.91
C TRP B 229 5.84 -8.39 8.84
N PHE B 230 5.34 -7.31 8.23
CA PHE B 230 4.52 -6.32 8.90
C PHE B 230 3.07 -6.61 8.50
N ILE B 231 2.23 -6.98 9.46
CA ILE B 231 0.86 -7.39 9.14
C ILE B 231 -0.10 -6.29 9.55
N LEU B 232 -0.89 -5.79 8.60
CA LEU B 232 -1.78 -4.66 8.81
C LEU B 232 -3.20 -5.15 8.99
N GLU B 233 -3.85 -4.72 10.07
CA GLU B 233 -5.20 -5.14 10.42
C GLU B 233 -6.17 -3.99 10.18
N HIS B 234 -7.31 -4.29 9.57
CA HIS B 234 -8.32 -3.28 9.26
C HIS B 234 -9.30 -3.22 10.43
N ASP B 235 -9.29 -2.10 11.15
CA ASP B 235 -10.21 -1.89 12.27
C ASP B 235 -11.67 -1.96 11.83
#